data_8QSH
#
_entry.id   8QSH
#
_cell.length_a   61.184
_cell.length_b   89.999
_cell.length_c   118.089
_cell.angle_alpha   90.00
_cell.angle_beta   90.00
_cell.angle_gamma   90.00
#
_symmetry.space_group_name_H-M   'P 2 21 21'
#
loop_
_entity.id
_entity.type
_entity.pdbx_description
1 polymer '14-3-3 protein sigma'
2 polymer 'ARAF peptide pS214'
3 non-polymer 2-chloranyl-~{N}-[[1-(4-iodophenyl)sulfonylpiperidin-4-yl]methyl]ethanamide
4 non-polymer 'MAGNESIUM ION'
5 non-polymer 'CHLORIDE ION'
6 water water
#
loop_
_entity_poly.entity_id
_entity_poly.type
_entity_poly.pdbx_seq_one_letter_code
_entity_poly.pdbx_strand_id
1 'polypeptide(L)'
;GAMGSMERASLIQKAKLAEQAERYEDMAAFMKGAVEKGEELSCEERNLLSVAYKNVVGGQRAAWRVLSSIEQKSNEEGSE
EKGPEVREYREKVETELQGVCDTVLGLLDSHLIKEAGDAESRVFYLKMKGDYYRYLAEVATGDDKKRIIDSARSAYQEAM
DISKKEMPPTNPIRLGLALNFSVFHYEIANSPEEAISLAKTTFDEAMADLHTLSEDSYKDSTLIMQLLRDNLTLWT
;
A,J
2 'polypeptide(L)' RIRST(SEP)TPNVHM H,S
#
loop_
_chem_comp.id
_chem_comp.type
_chem_comp.name
_chem_comp.formula
CL non-polymer 'CHLORIDE ION' 'Cl -1'
MG non-polymer 'MAGNESIUM ION' 'Mg 2'
WQI non-polymer 2-chloranyl-~{N}-[[1-(4-iodophenyl)sulfonylpiperidin-4-yl]methyl]ethanamide 'C14 H18 Cl I N2 O3 S'
#
# COMPACT_ATOMS: atom_id res chain seq x y z
N MET A 3 3.57 -16.77 -15.07
CA MET A 3 4.77 -16.90 -14.24
C MET A 3 5.61 -18.10 -14.65
N GLY A 4 4.94 -19.15 -15.14
CA GLY A 4 5.57 -20.43 -15.41
C GLY A 4 6.51 -20.45 -16.62
N SER A 5 6.56 -19.37 -17.39
CA SER A 5 7.56 -19.21 -18.43
C SER A 5 8.87 -18.59 -17.91
N MET A 6 8.85 -18.06 -16.69
CA MET A 6 10.08 -17.56 -16.08
C MET A 6 10.78 -18.73 -15.38
N GLU A 7 12.11 -18.67 -15.37
CA GLU A 7 12.93 -19.61 -14.62
C GLU A 7 12.74 -19.39 -13.13
N ARG A 8 12.86 -20.47 -12.34
CA ARG A 8 12.73 -20.36 -10.90
C ARG A 8 13.63 -19.28 -10.30
N ALA A 9 14.91 -19.25 -10.70
CA ALA A 9 15.84 -18.28 -10.15
C ALA A 9 15.39 -16.84 -10.44
N SER A 10 14.78 -16.62 -11.60
CA SER A 10 14.29 -15.29 -11.96
C SER A 10 13.08 -14.89 -11.10
N LEU A 11 12.18 -15.84 -10.83
CA LEU A 11 11.03 -15.59 -9.97
C LEU A 11 11.46 -15.20 -8.56
N ILE A 12 12.46 -15.89 -8.01
CA ILE A 12 12.98 -15.56 -6.68
C ILE A 12 13.60 -14.16 -6.67
N GLN A 13 14.42 -13.87 -7.69
CA GLN A 13 15.04 -12.56 -7.81
C GLN A 13 14.00 -11.44 -7.87
N LYS A 14 12.94 -11.65 -8.66
CA LYS A 14 11.89 -10.65 -8.82
C LYS A 14 11.06 -10.50 -7.54
N ALA A 15 10.87 -11.59 -6.78
CA ALA A 15 10.22 -11.46 -5.47
C ALA A 15 11.03 -10.55 -4.54
N LYS A 16 12.35 -10.70 -4.52
CA LYS A 16 13.21 -9.86 -3.72
C LYS A 16 13.16 -8.39 -4.15
N LEU A 17 13.11 -8.15 -5.46
CA LEU A 17 12.98 -6.79 -5.99
C LEU A 17 11.64 -6.15 -5.61
N ALA A 18 10.56 -6.94 -5.75
CA ALA A 18 9.23 -6.47 -5.40
C ALA A 18 9.18 -6.11 -3.91
N GLU A 19 9.84 -6.90 -3.07
CA GLU A 19 9.90 -6.59 -1.64
C GLU A 19 10.57 -5.23 -1.42
N GLN A 20 11.71 -5.00 -2.07
CA GLN A 20 12.43 -3.73 -1.94
C GLN A 20 11.57 -2.54 -2.37
N ALA A 21 10.69 -2.78 -3.36
CA ALA A 21 9.81 -1.75 -3.89
C ALA A 21 8.47 -1.63 -3.16
N GLU A 22 8.29 -2.45 -2.11
CA GLU A 22 7.06 -2.51 -1.34
C GLU A 22 5.86 -2.81 -2.22
N ARG A 23 6.07 -3.73 -3.17
CA ARG A 23 5.04 -4.20 -4.07
C ARG A 23 4.64 -5.61 -3.69
N TYR A 24 3.83 -5.76 -2.63
CA TYR A 24 3.63 -7.07 -2.02
C TYR A 24 2.71 -8.00 -2.80
N GLU A 25 1.72 -7.47 -3.53
CA GLU A 25 0.91 -8.31 -4.40
C GLU A 25 1.79 -8.97 -5.47
N ASP A 26 2.67 -8.17 -6.09
CA ASP A 26 3.59 -8.71 -7.08
C ASP A 26 4.52 -9.76 -6.46
N MET A 27 5.07 -9.44 -5.28
CA MET A 27 5.96 -10.33 -4.56
C MET A 27 5.28 -11.68 -4.32
N ALA A 28 4.02 -11.67 -3.90
CA ALA A 28 3.29 -12.89 -3.63
C ALA A 28 3.09 -13.72 -4.91
N ALA A 29 2.78 -13.04 -6.02
CA ALA A 29 2.56 -13.73 -7.27
C ALA A 29 3.85 -14.38 -7.77
N PHE A 30 4.99 -13.71 -7.59
CA PHE A 30 6.28 -14.27 -7.94
C PHE A 30 6.58 -15.52 -7.11
N MET A 31 6.28 -15.48 -5.81
CA MET A 31 6.53 -16.62 -4.95
C MET A 31 5.60 -17.79 -5.24
N LYS A 32 4.34 -17.52 -5.59
CA LYS A 32 3.44 -18.57 -6.04
C LYS A 32 3.99 -19.27 -7.28
N GLY A 33 4.49 -18.47 -8.24
CA GLY A 33 5.16 -19.03 -9.40
C GLY A 33 6.34 -19.91 -9.05
N ALA A 34 7.16 -19.48 -8.08
CA ALA A 34 8.31 -20.26 -7.65
C ALA A 34 7.90 -21.56 -6.98
N VAL A 35 6.85 -21.50 -6.14
CA VAL A 35 6.32 -22.70 -5.50
C VAL A 35 5.89 -23.70 -6.57
N GLU A 36 5.24 -23.20 -7.62
CA GLU A 36 4.70 -24.07 -8.66
C GLU A 36 5.77 -24.78 -9.50
N LYS A 37 7.04 -24.42 -9.34
CA LYS A 37 8.13 -25.13 -10.00
C LYS A 37 8.34 -26.51 -9.38
N GLY A 38 7.84 -26.72 -8.15
CA GLY A 38 7.78 -28.05 -7.57
C GLY A 38 8.97 -28.45 -6.71
N GLU A 39 9.93 -27.52 -6.52
CA GLU A 39 11.04 -27.73 -5.60
C GLU A 39 10.66 -27.23 -4.20
N GLU A 40 11.28 -27.81 -3.17
CA GLU A 40 11.11 -27.33 -1.81
C GLU A 40 11.62 -25.89 -1.72
N LEU A 41 11.07 -25.13 -0.76
CA LEU A 41 11.58 -23.80 -0.47
C LEU A 41 12.64 -23.89 0.63
N SER A 42 13.68 -23.06 0.52
CA SER A 42 14.63 -22.84 1.59
C SER A 42 14.01 -21.97 2.69
N CYS A 43 14.71 -21.83 3.82
CA CYS A 43 14.27 -20.92 4.87
C CYS A 43 14.08 -19.47 4.38
N GLU A 44 15.05 -18.97 3.61
CA GLU A 44 14.95 -17.62 3.05
C GLU A 44 13.69 -17.48 2.17
N GLU A 45 13.43 -18.52 1.37
CA GLU A 45 12.29 -18.50 0.46
C GLU A 45 10.96 -18.59 1.20
N ARG A 46 10.91 -19.38 2.29
CA ARG A 46 9.72 -19.38 3.12
C ARG A 46 9.46 -18.01 3.74
N ASN A 47 10.53 -17.28 4.10
CA ASN A 47 10.38 -15.91 4.59
C ASN A 47 9.77 -15.03 3.51
N LEU A 48 10.24 -15.14 2.27
CA LEU A 48 9.68 -14.35 1.19
C LEU A 48 8.20 -14.66 0.97
N LEU A 49 7.84 -15.95 0.95
CA LEU A 49 6.46 -16.35 0.77
C LEU A 49 5.56 -15.79 1.88
N SER A 50 6.01 -15.96 3.13
CA SER A 50 5.26 -15.55 4.30
C SER A 50 5.05 -14.05 4.36
N VAL A 51 6.14 -13.29 4.17
CA VAL A 51 6.08 -11.83 4.23
C VAL A 51 5.14 -11.28 3.15
N ALA A 52 5.24 -11.84 1.94
CA ALA A 52 4.43 -11.35 0.84
C ALA A 52 2.93 -11.51 1.09
N TYR A 53 2.48 -12.74 1.37
CA TYR A 53 1.05 -12.99 1.54
C TYR A 53 0.50 -12.34 2.80
N LYS A 54 1.31 -12.25 3.86
CA LYS A 54 0.83 -11.60 5.07
C LYS A 54 0.65 -10.08 4.92
N ASN A 55 1.50 -9.44 4.09
CA ASN A 55 1.28 -8.05 3.75
C ASN A 55 -0.03 -7.83 3.01
N VAL A 56 -0.31 -8.70 2.02
CA VAL A 56 -1.54 -8.61 1.25
C VAL A 56 -2.78 -8.83 2.13
N VAL A 57 -2.82 -9.95 2.84
CA VAL A 57 -4.00 -10.25 3.66
C VAL A 57 -4.11 -9.27 4.84
N GLY A 58 -2.96 -8.83 5.36
CA GLY A 58 -2.91 -7.84 6.42
C GLY A 58 -3.64 -6.54 6.07
N GLY A 59 -3.40 -6.04 4.85
CA GLY A 59 -4.12 -4.89 4.34
C GLY A 59 -5.63 -5.10 4.18
N GLN A 60 -6.00 -6.27 3.68
CA GLN A 60 -7.40 -6.64 3.52
C GLN A 60 -8.11 -6.74 4.87
N ARG A 61 -7.45 -7.36 5.86
CA ARG A 61 -7.99 -7.48 7.21
C ARG A 61 -8.23 -6.11 7.84
N ALA A 62 -7.24 -5.22 7.71
CA ALA A 62 -7.38 -3.88 8.26
C ALA A 62 -8.57 -3.15 7.64
N ALA A 63 -8.71 -3.26 6.31
CA ALA A 63 -9.81 -2.62 5.60
C ALA A 63 -11.16 -3.19 6.01
N TRP A 64 -11.23 -4.52 6.10
CA TRP A 64 -12.46 -5.18 6.50
C TRP A 64 -12.90 -4.71 7.88
N ARG A 65 -11.94 -4.60 8.80
CA ARG A 65 -12.25 -4.18 10.17
C ARG A 65 -12.81 -2.76 10.21
N VAL A 66 -12.23 -1.85 9.42
CA VAL A 66 -12.75 -0.49 9.34
C VAL A 66 -14.19 -0.49 8.84
N LEU A 67 -14.45 -1.24 7.76
CA LEU A 67 -15.76 -1.23 7.12
C LEU A 67 -16.80 -1.91 8.00
N SER A 68 -16.43 -3.03 8.63
CA SER A 68 -17.32 -3.73 9.54
C SER A 68 -17.72 -2.84 10.73
N SER A 69 -16.76 -2.06 11.26
CA SER A 69 -17.06 -1.12 12.32
C SER A 69 -18.07 -0.05 11.88
N ILE A 70 -17.85 0.55 10.70
CA ILE A 70 -18.79 1.51 10.15
C ILE A 70 -20.16 0.89 9.94
N GLU A 71 -20.21 -0.34 9.43
CA GLU A 71 -21.45 -1.04 9.17
C GLU A 71 -22.26 -1.21 10.46
N GLN A 72 -21.59 -1.68 11.51
CA GLN A 72 -22.24 -1.93 12.79
C GLN A 72 -22.73 -0.65 13.46
N LYS A 73 -21.91 0.41 13.37
CA LYS A 73 -22.27 1.72 13.90
C LYS A 73 -23.50 2.25 13.19
N SER A 74 -23.53 2.13 11.86
CA SER A 74 -24.67 2.57 11.05
C SER A 74 -25.94 1.84 11.46
N ASN A 75 -25.85 0.51 11.59
CA ASN A 75 -27.00 -0.31 11.96
C ASN A 75 -27.47 -0.02 13.38
N GLU A 76 -26.53 0.20 14.30
CA GLU A 76 -26.81 0.50 15.71
C GLU A 76 -28.13 1.26 15.91
N LYS A 82 -28.32 4.26 6.87
CA LYS A 82 -28.08 5.29 5.85
C LYS A 82 -27.93 4.74 4.43
N GLY A 83 -28.16 3.43 4.24
CA GLY A 83 -28.27 2.85 2.91
C GLY A 83 -27.46 1.58 2.70
N PRO A 84 -27.50 0.97 1.49
CA PRO A 84 -26.82 -0.31 1.24
C PRO A 84 -25.31 -0.28 1.01
N GLU A 85 -24.74 0.92 0.81
CA GLU A 85 -23.38 1.04 0.30
C GLU A 85 -22.32 0.37 1.19
N VAL A 86 -22.39 0.57 2.52
CA VAL A 86 -21.36 0.03 3.39
C VAL A 86 -21.37 -1.50 3.37
N ARG A 87 -22.57 -2.10 3.44
CA ARG A 87 -22.68 -3.55 3.34
C ARG A 87 -22.11 -4.08 2.03
N GLU A 88 -22.47 -3.43 0.91
CA GLU A 88 -22.00 -3.86 -0.39
C GLU A 88 -20.48 -3.83 -0.48
N TYR A 89 -19.89 -2.74 0.00
CA TYR A 89 -18.45 -2.57 -0.12
C TYR A 89 -17.69 -3.45 0.87
N ARG A 90 -18.22 -3.62 2.08
CA ARG A 90 -17.65 -4.59 3.02
C ARG A 90 -17.65 -5.99 2.41
N GLU A 91 -18.74 -6.38 1.73
CA GLU A 91 -18.84 -7.67 1.08
C GLU A 91 -17.80 -7.83 -0.02
N LYS A 92 -17.54 -6.73 -0.78
CA LYS A 92 -16.54 -6.76 -1.84
C LYS A 92 -15.15 -7.05 -1.28
N VAL A 93 -14.77 -6.32 -0.24
CA VAL A 93 -13.47 -6.51 0.40
C VAL A 93 -13.37 -7.90 1.00
N GLU A 94 -14.45 -8.33 1.67
CA GLU A 94 -14.50 -9.68 2.25
C GLU A 94 -14.24 -10.76 1.20
N THR A 95 -14.89 -10.67 0.04
CA THR A 95 -14.70 -11.64 -1.03
C THR A 95 -13.26 -11.70 -1.52
N GLU A 96 -12.60 -10.54 -1.62
CA GLU A 96 -11.21 -10.48 -2.03
C GLU A 96 -10.28 -11.13 -1.01
N LEU A 97 -10.53 -10.85 0.29
CA LEU A 97 -9.78 -11.47 1.37
C LEU A 97 -9.90 -12.98 1.35
N GLN A 98 -11.12 -13.49 1.16
CA GLN A 98 -11.37 -14.91 1.12
C GLN A 98 -10.62 -15.54 -0.06
N GLY A 99 -10.59 -14.82 -1.19
CA GLY A 99 -9.86 -15.25 -2.36
C GLY A 99 -8.37 -15.46 -2.11
N VAL A 100 -7.73 -14.50 -1.43
CA VAL A 100 -6.32 -14.61 -1.11
C VAL A 100 -6.06 -15.78 -0.15
N CYS A 101 -6.90 -15.89 0.89
CA CYS A 101 -6.77 -17.01 1.82
C CYS A 101 -6.91 -18.35 1.10
N ASP A 102 -7.89 -18.45 0.20
CA ASP A 102 -8.06 -19.67 -0.57
C ASP A 102 -6.85 -20.01 -1.44
N THR A 103 -6.20 -18.98 -2.01
CA THR A 103 -5.01 -19.18 -2.82
C THR A 103 -3.87 -19.78 -1.98
N VAL A 104 -3.66 -19.21 -0.79
CA VAL A 104 -2.61 -19.68 0.10
C VAL A 104 -2.89 -21.12 0.53
N LEU A 105 -4.12 -21.37 0.98
CA LEU A 105 -4.50 -22.71 1.42
C LEU A 105 -4.38 -23.72 0.27
N GLY A 106 -4.71 -23.28 -0.95
CA GLY A 106 -4.50 -24.11 -2.13
C GLY A 106 -3.05 -24.50 -2.39
N LEU A 107 -2.14 -23.54 -2.26
CA LEU A 107 -0.72 -23.79 -2.42
C LEU A 107 -0.20 -24.74 -1.35
N LEU A 108 -0.70 -24.56 -0.11
CA LEU A 108 -0.26 -25.39 1.00
C LEU A 108 -0.66 -26.83 0.75
N ASP A 109 -1.90 -27.03 0.30
CA ASP A 109 -2.42 -28.37 0.06
C ASP A 109 -1.83 -29.01 -1.20
N SER A 110 -1.66 -28.23 -2.27
CA SER A 110 -1.25 -28.82 -3.54
C SER A 110 0.26 -29.04 -3.63
N HIS A 111 1.05 -28.21 -2.95
CA HIS A 111 2.50 -28.23 -3.11
C HIS A 111 3.36 -28.35 -1.85
N LEU A 112 2.99 -27.64 -0.77
CA LEU A 112 3.97 -27.37 0.29
C LEU A 112 3.94 -28.33 1.46
N ILE A 113 2.74 -28.71 1.90
CA ILE A 113 2.58 -29.64 3.02
C ILE A 113 2.87 -31.05 2.51
N LYS A 114 3.91 -31.69 3.05
CA LYS A 114 4.19 -33.07 2.70
C LYS A 114 4.33 -33.95 3.97
N GLY A 117 9.61 -34.23 4.85
CA GLY A 117 10.77 -33.35 5.00
C GLY A 117 11.09 -33.06 6.47
N ASP A 118 11.86 -31.99 6.71
CA ASP A 118 12.31 -31.72 8.06
C ASP A 118 11.18 -31.11 8.91
N ALA A 119 11.37 -31.15 10.23
CA ALA A 119 10.36 -30.72 11.18
C ALA A 119 10.05 -29.24 11.03
N GLU A 120 11.10 -28.43 10.88
CA GLU A 120 10.96 -26.99 10.75
C GLU A 120 9.98 -26.63 9.64
N SER A 121 10.17 -27.22 8.45
CA SER A 121 9.32 -26.86 7.33
C SER A 121 7.89 -27.40 7.52
N ARG A 122 7.75 -28.62 8.04
CA ARG A 122 6.43 -29.19 8.27
C ARG A 122 5.63 -28.32 9.23
N VAL A 123 6.29 -27.90 10.33
CA VAL A 123 5.62 -27.10 11.33
C VAL A 123 5.26 -25.73 10.76
N PHE A 124 6.20 -25.11 10.04
CA PHE A 124 5.94 -23.81 9.41
C PHE A 124 4.68 -23.84 8.54
N TYR A 125 4.58 -24.85 7.65
CA TYR A 125 3.46 -24.87 6.73
C TYR A 125 2.13 -25.19 7.42
N LEU A 126 2.16 -26.04 8.45
CA LEU A 126 0.93 -26.32 9.19
C LEU A 126 0.47 -25.11 10.00
N LYS A 127 1.43 -24.36 10.58
CA LYS A 127 1.15 -23.09 11.23
C LYS A 127 0.48 -22.14 10.23
N MET A 128 1.03 -22.08 9.02
CA MET A 128 0.49 -21.17 8.01
C MET A 128 -0.96 -21.55 7.66
N LYS A 129 -1.22 -22.85 7.52
CA LYS A 129 -2.58 -23.34 7.28
C LYS A 129 -3.54 -22.92 8.38
N GLY A 130 -3.09 -23.06 9.63
CA GLY A 130 -3.86 -22.59 10.78
C GLY A 130 -4.16 -21.09 10.71
N ASP A 131 -3.14 -20.30 10.40
CA ASP A 131 -3.28 -18.85 10.34
C ASP A 131 -4.31 -18.43 9.29
N TYR A 132 -4.23 -19.01 8.08
CA TYR A 132 -5.12 -18.57 7.01
C TYR A 132 -6.55 -19.06 7.18
N TYR A 133 -6.75 -20.23 7.79
CA TYR A 133 -8.09 -20.58 8.25
C TYR A 133 -8.59 -19.64 9.35
N ARG A 134 -7.70 -19.19 10.24
CA ARG A 134 -8.08 -18.22 11.27
C ARG A 134 -8.52 -16.89 10.64
N TYR A 135 -7.84 -16.44 9.59
CA TYR A 135 -8.23 -15.21 8.91
C TYR A 135 -9.59 -15.39 8.22
N LEU A 136 -9.85 -16.57 7.66
CA LEU A 136 -11.17 -16.88 7.14
C LEU A 136 -12.23 -16.90 8.24
N ALA A 137 -11.88 -17.43 9.42
CA ALA A 137 -12.81 -17.45 10.54
C ALA A 137 -13.23 -16.08 11.03
N GLU A 138 -12.32 -15.09 10.93
CA GLU A 138 -12.62 -13.74 11.40
C GLU A 138 -13.80 -13.11 10.65
N VAL A 139 -14.03 -13.54 9.41
CA VAL A 139 -15.10 -12.96 8.59
C VAL A 139 -16.27 -13.92 8.35
N ALA A 140 -16.17 -15.14 8.85
CA ALA A 140 -17.17 -16.16 8.58
C ALA A 140 -18.38 -16.03 9.51
N THR A 141 -19.53 -16.52 9.03
CA THR A 141 -20.72 -16.67 9.86
C THR A 141 -21.29 -18.09 9.78
N GLY A 142 -22.13 -18.43 10.78
CA GLY A 142 -22.97 -19.62 10.73
C GLY A 142 -22.22 -20.94 10.76
N ASP A 143 -22.71 -21.90 9.95
CA ASP A 143 -22.17 -23.25 9.91
C ASP A 143 -20.81 -23.31 9.23
N ASP A 144 -20.61 -22.44 8.24
CA ASP A 144 -19.31 -22.34 7.60
C ASP A 144 -18.25 -21.98 8.63
N LYS A 145 -18.59 -21.08 9.57
CA LYS A 145 -17.65 -20.63 10.58
C LYS A 145 -17.21 -21.80 11.47
N LYS A 146 -18.15 -22.68 11.84
CA LYS A 146 -17.82 -23.83 12.68
C LYS A 146 -16.79 -24.73 11.99
N ARG A 147 -17.02 -25.05 10.71
CA ARG A 147 -16.13 -25.89 9.95
C ARG A 147 -14.74 -25.25 9.80
N ILE A 148 -14.73 -23.94 9.55
CA ILE A 148 -13.47 -23.20 9.40
C ILE A 148 -12.67 -23.20 10.69
N ILE A 149 -13.34 -22.97 11.82
CA ILE A 149 -12.68 -22.98 13.12
C ILE A 149 -12.06 -24.34 13.39
N ASP A 150 -12.79 -25.41 13.07
CA ASP A 150 -12.29 -26.76 13.24
C ASP A 150 -11.04 -27.02 12.42
N SER A 151 -11.04 -26.51 11.18
CA SER A 151 -9.91 -26.68 10.29
C SER A 151 -8.66 -25.97 10.84
N ALA A 152 -8.84 -24.75 11.34
CA ALA A 152 -7.74 -24.01 11.96
C ALA A 152 -7.19 -24.77 13.17
N ARG A 153 -8.10 -25.22 14.06
CA ARG A 153 -7.69 -25.94 15.26
C ARG A 153 -6.88 -27.19 14.89
N SER A 154 -7.36 -27.93 13.89
CA SER A 154 -6.74 -29.18 13.49
C SER A 154 -5.34 -28.98 12.94
N ALA A 155 -5.16 -27.92 12.15
CA ALA A 155 -3.85 -27.59 11.60
C ALA A 155 -2.88 -27.18 12.71
N TYR A 156 -3.32 -26.27 13.58
CA TYR A 156 -2.51 -25.83 14.70
C TYR A 156 -2.11 -26.99 15.61
N GLN A 157 -3.07 -27.89 15.91
CA GLN A 157 -2.78 -28.99 16.82
C GLN A 157 -1.74 -29.96 16.24
N GLU A 158 -1.86 -30.27 14.96
CA GLU A 158 -0.89 -31.14 14.32
C GLU A 158 0.50 -30.51 14.37
N ALA A 159 0.56 -29.20 14.11
CA ALA A 159 1.82 -28.48 14.20
C ALA A 159 2.42 -28.51 15.61
N MET A 160 1.58 -28.31 16.63
CA MET A 160 1.99 -28.34 18.02
C MET A 160 2.57 -29.71 18.37
N ASP A 161 1.92 -30.77 17.89
CA ASP A 161 2.34 -32.13 18.17
C ASP A 161 3.73 -32.43 17.62
N ILE A 162 4.00 -31.99 16.38
CA ILE A 162 5.30 -32.16 15.76
C ILE A 162 6.36 -31.35 16.49
N SER A 163 6.03 -30.09 16.79
CA SER A 163 6.99 -29.19 17.40
C SER A 163 7.41 -29.67 18.79
N LYS A 164 6.49 -30.25 19.55
CA LYS A 164 6.81 -30.77 20.88
C LYS A 164 7.72 -31.98 20.82
N LYS A 165 7.57 -32.80 19.77
CA LYS A 165 8.36 -34.01 19.62
C LYS A 165 9.74 -33.75 19.02
N GLU A 166 9.85 -32.73 18.14
CA GLU A 166 11.00 -32.61 17.27
C GLU A 166 11.83 -31.33 17.39
N MET A 167 11.33 -30.34 18.14
CA MET A 167 12.02 -29.06 18.25
C MET A 167 12.21 -28.65 19.71
N PRO A 168 13.30 -27.91 20.02
CA PRO A 168 13.50 -27.37 21.35
C PRO A 168 12.45 -26.33 21.74
N PRO A 169 12.14 -26.18 23.05
CA PRO A 169 11.08 -25.26 23.49
C PRO A 169 11.29 -23.79 23.18
N THR A 170 12.54 -23.38 22.90
CA THR A 170 12.82 -21.97 22.61
C THR A 170 13.00 -21.72 21.11
N ASN A 171 12.76 -22.74 20.28
CA ASN A 171 12.86 -22.58 18.83
C ASN A 171 11.85 -21.54 18.37
N PRO A 172 12.26 -20.53 17.56
CA PRO A 172 11.36 -19.44 17.20
C PRO A 172 10.14 -19.82 16.38
N ILE A 173 10.22 -20.91 15.60
CA ILE A 173 9.06 -21.39 14.84
C ILE A 173 8.05 -21.98 15.81
N ARG A 174 8.55 -22.78 16.77
CA ARG A 174 7.70 -23.38 17.79
C ARG A 174 7.02 -22.28 18.59
N LEU A 175 7.78 -21.22 18.91
CA LEU A 175 7.26 -20.11 19.69
C LEU A 175 6.19 -19.33 18.92
N GLY A 176 6.45 -19.02 17.65
CA GLY A 176 5.48 -18.28 16.85
C GLY A 176 4.18 -19.06 16.65
N LEU A 177 4.30 -20.39 16.47
CA LEU A 177 3.15 -21.26 16.40
C LEU A 177 2.32 -21.19 17.69
N ALA A 178 2.98 -21.35 18.84
CA ALA A 178 2.27 -21.31 20.11
C ALA A 178 1.62 -19.95 20.38
N LEU A 179 2.33 -18.86 20.08
CA LEU A 179 1.75 -17.53 20.16
C LEU A 179 0.47 -17.45 19.33
N ASN A 180 0.53 -17.86 18.06
CA ASN A 180 -0.63 -17.75 17.18
C ASN A 180 -1.79 -18.67 17.61
N PHE A 181 -1.46 -19.86 18.12
CA PHE A 181 -2.49 -20.76 18.61
C PHE A 181 -3.16 -20.18 19.86
N SER A 182 -2.39 -19.49 20.71
CA SER A 182 -2.97 -18.82 21.86
C SER A 182 -3.92 -17.69 21.46
N VAL A 183 -3.55 -16.93 20.41
CA VAL A 183 -4.43 -15.94 19.83
C VAL A 183 -5.72 -16.54 19.28
N PHE A 184 -5.60 -17.67 18.56
CA PHE A 184 -6.77 -18.43 18.12
C PHE A 184 -7.71 -18.73 19.29
N HIS A 185 -7.16 -19.28 20.39
CA HIS A 185 -7.97 -19.60 21.54
C HIS A 185 -8.71 -18.38 22.08
N TYR A 186 -8.01 -17.25 22.23
CA TYR A 186 -8.55 -16.07 22.86
C TYR A 186 -9.57 -15.36 21.96
N GLU A 187 -9.22 -15.18 20.69
CA GLU A 187 -9.95 -14.29 19.80
C GLU A 187 -11.01 -15.00 18.94
N ILE A 188 -10.79 -16.29 18.67
CA ILE A 188 -11.64 -17.04 17.76
C ILE A 188 -12.49 -18.08 18.47
N ALA A 189 -11.87 -18.85 19.36
CA ALA A 189 -12.49 -20.02 19.94
C ALA A 189 -13.16 -19.79 21.30
N ASN A 190 -13.18 -18.54 21.77
CA ASN A 190 -13.82 -18.20 23.04
C ASN A 190 -13.28 -19.06 24.18
N SER A 191 -11.95 -19.19 24.24
CA SER A 191 -11.30 -20.06 25.21
C SER A 191 -10.17 -19.32 25.92
N PRO A 192 -10.49 -18.30 26.76
CA PRO A 192 -9.45 -17.51 27.42
C PRO A 192 -8.58 -18.31 28.39
N GLU A 193 -9.20 -19.28 29.09
CA GLU A 193 -8.45 -20.14 29.99
C GLU A 193 -7.37 -20.92 29.25
N GLU A 194 -7.72 -21.52 28.13
CA GLU A 194 -6.74 -22.24 27.32
C GLU A 194 -5.68 -21.29 26.73
N ALA A 195 -6.10 -20.10 26.29
CA ALA A 195 -5.17 -19.11 25.73
C ALA A 195 -4.09 -18.77 26.76
N ILE A 196 -4.53 -18.47 27.98
CA ILE A 196 -3.63 -18.04 29.04
C ILE A 196 -2.75 -19.20 29.48
N SER A 197 -3.35 -20.37 29.66
CA SER A 197 -2.58 -21.54 30.03
C SER A 197 -1.51 -21.91 29.02
N LEU A 198 -1.86 -21.92 27.73
CA LEU A 198 -0.88 -22.19 26.68
C LEU A 198 0.24 -21.14 26.66
N ALA A 199 -0.10 -19.85 26.73
CA ALA A 199 0.92 -18.82 26.64
C ALA A 199 1.87 -18.88 27.83
N LYS A 200 1.34 -19.10 29.03
CA LYS A 200 2.15 -19.17 30.23
C LYS A 200 3.08 -20.38 30.22
N THR A 201 2.54 -21.55 29.87
CA THR A 201 3.35 -22.77 29.75
C THR A 201 4.45 -22.60 28.71
N THR A 202 4.10 -22.05 27.54
CA THR A 202 5.06 -21.81 26.49
C THR A 202 6.20 -20.90 26.95
N PHE A 203 5.86 -19.79 27.61
CA PHE A 203 6.83 -18.81 28.06
C PHE A 203 7.78 -19.45 29.07
N ASP A 204 7.22 -20.16 30.05
CA ASP A 204 8.05 -20.72 31.10
C ASP A 204 8.98 -21.79 30.58
N GLU A 205 8.48 -22.68 29.71
CA GLU A 205 9.29 -23.76 29.15
C GLU A 205 10.38 -23.22 28.24
N ALA A 206 10.08 -22.14 27.50
CA ALA A 206 11.05 -21.48 26.66
C ALA A 206 12.16 -20.83 27.47
N MET A 207 11.79 -20.13 28.56
CA MET A 207 12.79 -19.47 29.39
C MET A 207 13.72 -20.49 30.05
N ALA A 208 13.16 -21.64 30.44
CA ALA A 208 13.90 -22.73 31.07
C ALA A 208 14.98 -23.32 30.17
N ASP A 209 14.79 -23.29 28.85
CA ASP A 209 15.76 -23.80 27.90
C ASP A 209 16.48 -22.72 27.08
N LEU A 210 16.33 -21.45 27.46
CA LEU A 210 16.87 -20.34 26.66
C LEU A 210 18.40 -20.40 26.57
N HIS A 211 19.03 -20.92 27.62
CA HIS A 211 20.49 -21.05 27.65
C HIS A 211 21.06 -21.99 26.60
N THR A 212 20.22 -22.84 26.00
CA THR A 212 20.64 -23.77 24.97
C THR A 212 20.43 -23.25 23.56
N LEU A 213 19.72 -22.13 23.40
CA LEU A 213 19.38 -21.58 22.09
C LEU A 213 20.56 -20.94 21.39
N SER A 214 20.71 -21.24 20.09
CA SER A 214 21.78 -20.67 19.28
C SER A 214 21.65 -19.14 19.22
N GLU A 215 22.79 -18.47 19.05
CA GLU A 215 22.78 -17.02 19.03
C GLU A 215 22.04 -16.46 17.81
N ASP A 216 21.98 -17.22 16.70
CA ASP A 216 21.32 -16.71 15.50
C ASP A 216 19.80 -16.62 15.66
N SER A 217 19.26 -17.35 16.65
CA SER A 217 17.83 -17.30 16.93
C SER A 217 17.45 -16.42 18.11
N TYR A 218 18.42 -15.86 18.84
CA TYR A 218 18.13 -15.17 20.08
C TYR A 218 17.22 -13.96 19.94
N LYS A 219 17.47 -13.10 18.95
CA LYS A 219 16.64 -11.91 18.79
C LYS A 219 15.19 -12.28 18.49
N ASP A 220 15.03 -13.27 17.61
CA ASP A 220 13.69 -13.72 17.21
C ASP A 220 12.93 -14.35 18.37
N SER A 221 13.56 -15.29 19.09
CA SER A 221 12.87 -15.97 20.17
C SER A 221 12.51 -15.02 21.31
N THR A 222 13.38 -14.04 21.61
CA THR A 222 13.08 -13.08 22.67
C THR A 222 11.93 -12.16 22.26
N LEU A 223 11.84 -11.82 20.98
CA LEU A 223 10.72 -11.01 20.48
C LEU A 223 9.38 -11.72 20.74
N ILE A 224 9.30 -13.00 20.38
CA ILE A 224 8.09 -13.78 20.55
C ILE A 224 7.77 -13.96 22.03
N MET A 225 8.79 -14.19 22.87
CA MET A 225 8.53 -14.37 24.30
C MET A 225 7.99 -13.08 24.93
N GLN A 226 8.45 -11.92 24.44
CA GLN A 226 7.92 -10.64 24.89
C GLN A 226 6.44 -10.47 24.52
N LEU A 227 6.05 -10.95 23.32
CA LEU A 227 4.67 -10.88 22.91
C LEU A 227 3.78 -11.81 23.73
N LEU A 228 4.30 -12.98 24.10
CA LEU A 228 3.59 -13.88 25.01
C LEU A 228 3.32 -13.15 26.32
N ARG A 229 4.38 -12.52 26.87
CA ARG A 229 4.25 -11.74 28.10
C ARG A 229 3.22 -10.62 27.99
N ASP A 230 3.27 -9.85 26.90
CA ASP A 230 2.37 -8.73 26.71
C ASP A 230 0.91 -9.17 26.61
N ASN A 231 0.64 -10.22 25.81
CA ASN A 231 -0.70 -10.79 25.78
C ASN A 231 -1.17 -11.27 27.16
N LEU A 232 -0.28 -11.93 27.92
CA LEU A 232 -0.65 -12.40 29.24
C LEU A 232 -1.06 -11.24 30.15
N THR A 233 -0.35 -10.12 30.06
CA THR A 233 -0.71 -8.91 30.79
C THR A 233 -2.07 -8.38 30.36
N LEU A 234 -2.30 -8.37 29.04
CA LEU A 234 -3.58 -7.93 28.47
C LEU A 234 -4.76 -8.79 28.89
N TRP A 235 -4.53 -10.11 28.99
CA TRP A 235 -5.59 -11.07 29.23
C TRP A 235 -5.94 -11.30 30.71
N THR A 236 -5.08 -10.83 31.62
CA THR A 236 -5.24 -11.09 33.03
C THR A 236 -5.42 -9.80 33.81
N ARG B 1 -11.74 -2.55 23.18
CA ARG B 1 -10.78 -3.56 23.59
C ARG B 1 -9.61 -3.59 22.61
N ILE B 2 -8.41 -3.81 23.15
CA ILE B 2 -7.21 -4.03 22.34
C ILE B 2 -7.16 -5.50 21.93
N ARG B 3 -6.97 -5.75 20.63
CA ARG B 3 -6.81 -7.11 20.12
C ARG B 3 -5.49 -7.72 20.55
N SER B 4 -5.48 -9.04 20.73
CA SER B 4 -4.26 -9.79 21.03
C SER B 4 -3.26 -9.64 19.89
N THR B 5 -1.97 -9.70 20.22
CA THR B 5 -0.92 -9.59 19.21
C THR B 5 -0.47 -10.98 18.76
N SEP B 6 -0.39 -11.18 17.44
CA SEP B 6 0.13 -12.42 16.88
CB SEP B 6 -0.81 -12.93 15.80
OG SEP B 6 -0.82 -11.98 14.72
C SEP B 6 1.56 -12.22 16.38
O SEP B 6 2.13 -11.12 16.52
P SEP B 6 -1.89 -12.22 13.54
O1P SEP B 6 -3.28 -12.16 14.09
O2P SEP B 6 -1.60 -13.54 12.90
O3P SEP B 6 -1.62 -11.05 12.59
N THR B 7 2.15 -13.27 15.82
CA THR B 7 3.52 -13.25 15.32
C THR B 7 3.67 -12.14 14.28
N PRO B 8 4.69 -11.27 14.44
CA PRO B 8 4.86 -10.13 13.53
C PRO B 8 5.33 -10.55 12.15
N ASN B 9 5.01 -9.70 11.16
CA ASN B 9 5.34 -10.01 9.77
C ASN B 9 6.74 -9.49 9.45
N VAL B 10 7.75 -10.17 9.99
CA VAL B 10 9.14 -9.79 9.76
C VAL B 10 9.91 -11.04 9.35
N HIS B 11 11.05 -10.84 8.69
CA HIS B 11 11.92 -11.96 8.36
C HIS B 11 12.49 -12.58 9.64
N MET B 12 12.35 -13.91 9.77
CA MET B 12 12.88 -14.60 10.94
C MET B 12 14.29 -15.08 10.60
N ALA C 2 -19.27 -2.31 -13.55
CA ALA C 2 -20.19 -1.56 -14.39
C ALA C 2 -20.82 -0.39 -13.62
N MET C 3 -20.09 0.73 -13.60
CA MET C 3 -20.45 1.87 -12.78
C MET C 3 -21.42 2.83 -13.45
N GLY C 4 -21.66 2.64 -14.75
CA GLY C 4 -22.51 3.52 -15.54
C GLY C 4 -23.93 3.65 -14.99
N SER C 5 -24.45 2.54 -14.46
CA SER C 5 -25.80 2.48 -13.96
C SER C 5 -25.90 2.71 -12.44
N MET C 6 -24.77 2.92 -11.78
CA MET C 6 -24.75 3.17 -10.34
C MET C 6 -25.14 4.62 -10.02
N GLU C 7 -25.85 4.82 -8.91
CA GLU C 7 -26.16 6.16 -8.45
C GLU C 7 -24.87 6.92 -8.18
N ARG C 8 -24.80 8.17 -8.68
CA ARG C 8 -23.65 9.01 -8.41
C ARG C 8 -23.37 9.14 -6.92
N ALA C 9 -24.43 9.36 -6.13
CA ALA C 9 -24.27 9.55 -4.70
C ALA C 9 -23.68 8.29 -4.04
N SER C 10 -24.02 7.12 -4.56
CA SER C 10 -23.47 5.87 -4.04
C SER C 10 -21.98 5.72 -4.34
N LEU C 11 -21.57 6.13 -5.55
CA LEU C 11 -20.16 6.10 -5.91
C LEU C 11 -19.34 7.03 -5.01
N ILE C 12 -19.86 8.22 -4.71
CA ILE C 12 -19.18 9.18 -3.84
C ILE C 12 -19.07 8.61 -2.42
N GLN C 13 -20.18 8.04 -1.92
CA GLN C 13 -20.17 7.43 -0.60
C GLN C 13 -19.12 6.32 -0.50
N LYS C 14 -19.05 5.47 -1.53
CA LYS C 14 -18.10 4.37 -1.55
C LYS C 14 -16.66 4.86 -1.67
N ALA C 15 -16.42 5.97 -2.38
CA ALA C 15 -15.10 6.56 -2.42
C ALA C 15 -14.67 6.98 -1.01
N LYS C 16 -15.59 7.58 -0.25
CA LYS C 16 -15.27 7.99 1.11
C LYS C 16 -15.00 6.79 2.03
N LEU C 17 -15.74 5.70 1.85
CA LEU C 17 -15.49 4.47 2.61
C LEU C 17 -14.12 3.87 2.27
N ALA C 18 -13.81 3.83 0.97
CA ALA C 18 -12.53 3.31 0.52
C ALA C 18 -11.38 4.14 1.09
N GLU C 19 -11.56 5.46 1.19
CA GLU C 19 -10.56 6.31 1.78
C GLU C 19 -10.32 5.92 3.24
N GLN C 20 -11.42 5.76 4.00
CA GLN C 20 -11.30 5.38 5.40
C GLN C 20 -10.61 4.02 5.58
N ALA C 21 -10.79 3.13 4.62
CA ALA C 21 -10.18 1.81 4.64
C ALA C 21 -8.78 1.73 4.01
N GLU C 22 -8.28 2.89 3.56
CA GLU C 22 -6.99 3.01 2.91
C GLU C 22 -6.89 2.11 1.69
N ARG C 23 -8.00 2.04 0.94
CA ARG C 23 -8.10 1.28 -0.29
C ARG C 23 -8.10 2.23 -1.48
N TYR C 24 -6.91 2.75 -1.84
CA TYR C 24 -6.86 3.88 -2.77
C TYR C 24 -7.16 3.53 -4.23
N GLU C 25 -6.83 2.31 -4.68
CA GLU C 25 -7.21 1.89 -6.02
C GLU C 25 -8.73 1.86 -6.17
N ASP C 26 -9.42 1.30 -5.16
CA ASP C 26 -10.87 1.29 -5.16
C ASP C 26 -11.43 2.71 -5.17
N MET C 27 -10.88 3.55 -4.30
CA MET C 27 -11.31 4.94 -4.17
C MET C 27 -11.22 5.65 -5.53
N ALA C 28 -10.11 5.47 -6.23
CA ALA C 28 -9.93 6.08 -7.54
C ALA C 28 -10.95 5.59 -8.56
N ALA C 29 -11.24 4.28 -8.54
CA ALA C 29 -12.20 3.71 -9.47
C ALA C 29 -13.61 4.25 -9.24
N PHE C 30 -13.98 4.40 -7.96
CA PHE C 30 -15.26 5.01 -7.61
C PHE C 30 -15.37 6.46 -8.10
N MET C 31 -14.29 7.23 -7.94
CA MET C 31 -14.30 8.61 -8.38
C MET C 31 -14.31 8.74 -9.90
N LYS C 32 -13.63 7.83 -10.61
CA LYS C 32 -13.72 7.78 -12.07
C LYS C 32 -15.17 7.56 -12.49
N GLY C 33 -15.83 6.60 -11.84
CA GLY C 33 -17.26 6.36 -12.07
C GLY C 33 -18.12 7.60 -11.87
N ALA C 34 -17.84 8.35 -10.81
CA ALA C 34 -18.58 9.57 -10.53
C ALA C 34 -18.32 10.65 -11.56
N VAL C 35 -17.05 10.81 -11.97
CA VAL C 35 -16.73 11.76 -13.02
C VAL C 35 -17.50 11.44 -14.29
N GLU C 36 -17.58 10.16 -14.63
CA GLU C 36 -18.20 9.72 -15.87
C GLU C 36 -19.72 9.95 -15.92
N LYS C 37 -20.33 10.37 -14.81
CA LYS C 37 -21.72 10.79 -14.81
C LYS C 37 -21.94 12.09 -15.58
N GLY C 38 -20.87 12.87 -15.74
CA GLY C 38 -20.89 14.07 -16.57
C GLY C 38 -21.34 15.35 -15.87
N GLU C 39 -21.54 15.29 -14.54
CA GLU C 39 -21.83 16.47 -13.74
C GLU C 39 -20.52 17.08 -13.24
N GLU C 40 -20.53 18.40 -12.98
CA GLU C 40 -19.40 19.06 -12.37
C GLU C 40 -19.15 18.49 -10.97
N LEU C 41 -17.88 18.58 -10.52
CA LEU C 41 -17.49 18.14 -9.20
C LEU C 41 -17.56 19.31 -8.21
N SER C 42 -17.87 18.99 -6.96
CA SER C 42 -17.74 19.91 -5.85
C SER C 42 -16.29 19.95 -5.36
N CYS C 43 -16.02 20.85 -4.39
CA CYS C 43 -14.71 20.95 -3.77
C CYS C 43 -14.30 19.65 -3.10
N GLU C 44 -15.23 19.07 -2.33
CA GLU C 44 -14.96 17.81 -1.65
C GLU C 44 -14.63 16.73 -2.67
N GLU C 45 -15.38 16.71 -3.79
CA GLU C 45 -15.17 15.69 -4.80
C GLU C 45 -13.82 15.85 -5.51
N ARG C 46 -13.39 17.09 -5.77
CA ARG C 46 -12.06 17.29 -6.33
C ARG C 46 -10.97 16.78 -5.37
N ASN C 47 -11.16 16.99 -4.07
CA ASN C 47 -10.25 16.45 -3.07
C ASN C 47 -10.22 14.94 -3.11
N LEU C 48 -11.38 14.29 -3.17
CA LEU C 48 -11.44 12.83 -3.24
C LEU C 48 -10.74 12.31 -4.49
N LEU C 49 -11.01 12.93 -5.65
CA LEU C 49 -10.38 12.51 -6.89
C LEU C 49 -8.87 12.62 -6.81
N SER C 50 -8.40 13.78 -6.31
CA SER C 50 -6.97 14.07 -6.25
C SER C 50 -6.25 13.14 -5.28
N VAL C 51 -6.79 12.98 -4.08
CA VAL C 51 -6.18 12.14 -3.05
C VAL C 51 -6.08 10.69 -3.52
N ALA C 52 -7.15 10.21 -4.16
CA ALA C 52 -7.19 8.83 -4.62
C ALA C 52 -6.09 8.52 -5.64
N TYR C 53 -6.08 9.28 -6.75
CA TYR C 53 -5.14 9.02 -7.82
C TYR C 53 -3.70 9.34 -7.41
N LYS C 54 -3.48 10.34 -6.56
CA LYS C 54 -2.12 10.64 -6.13
C LYS C 54 -1.56 9.58 -5.18
N ASN C 55 -2.43 8.94 -4.37
CA ASN C 55 -1.98 7.79 -3.61
C ASN C 55 -1.54 6.63 -4.50
N VAL C 56 -2.34 6.33 -5.53
CA VAL C 56 -2.02 5.28 -6.48
C VAL C 56 -0.71 5.58 -7.22
N VAL C 57 -0.65 6.72 -7.90
CA VAL C 57 0.55 7.05 -8.68
C VAL C 57 1.76 7.28 -7.79
N GLY C 58 1.52 7.84 -6.60
CA GLY C 58 2.57 8.05 -5.61
C GLY C 58 3.30 6.76 -5.23
N GLY C 59 2.55 5.68 -5.01
CA GLY C 59 3.11 4.38 -4.72
C GLY C 59 3.92 3.81 -5.89
N GLN C 60 3.36 3.97 -7.10
CA GLN C 60 4.03 3.53 -8.31
C GLN C 60 5.33 4.29 -8.55
N ARG C 61 5.32 5.62 -8.35
CA ARG C 61 6.50 6.47 -8.50
C ARG C 61 7.61 6.06 -7.52
N ALA C 62 7.22 5.82 -6.25
CA ALA C 62 8.18 5.42 -5.26
C ALA C 62 8.83 4.08 -5.64
N ALA C 63 8.02 3.14 -6.12
CA ALA C 63 8.51 1.82 -6.51
C ALA C 63 9.41 1.91 -7.74
N TRP C 64 8.99 2.71 -8.72
CA TRP C 64 9.80 2.91 -9.92
C TRP C 64 11.18 3.47 -9.56
N ARG C 65 11.21 4.44 -8.65
CA ARG C 65 12.47 5.06 -8.24
C ARG C 65 13.42 4.06 -7.60
N VAL C 66 12.87 3.19 -6.73
CA VAL C 66 13.67 2.14 -6.10
C VAL C 66 14.28 1.22 -7.17
N LEU C 67 13.43 0.78 -8.10
CA LEU C 67 13.86 -0.17 -9.13
C LEU C 67 14.85 0.45 -10.11
N SER C 68 14.61 1.70 -10.51
CA SER C 68 15.54 2.39 -11.40
C SER C 68 16.92 2.55 -10.76
N SER C 69 16.95 2.85 -9.46
CA SER C 69 18.22 2.95 -8.74
C SER C 69 18.97 1.60 -8.74
N ILE C 70 18.26 0.52 -8.40
CA ILE C 70 18.84 -0.82 -8.43
C ILE C 70 19.36 -1.17 -9.82
N GLU C 71 18.55 -0.84 -10.85
CA GLU C 71 18.90 -1.13 -12.23
C GLU C 71 20.22 -0.44 -12.60
N GLN C 72 20.32 0.85 -12.30
CA GLN C 72 21.49 1.64 -12.68
C GLN C 72 22.74 1.20 -11.92
N LYS C 73 22.59 0.88 -10.63
CA LYS C 73 23.68 0.37 -9.83
C LYS C 73 24.20 -0.95 -10.41
N SER C 74 23.28 -1.83 -10.77
CA SER C 74 23.64 -3.11 -11.38
C SER C 74 24.40 -2.92 -12.70
N ASN C 75 23.89 -2.03 -13.55
CA ASN C 75 24.50 -1.78 -14.85
C ASN C 75 25.90 -1.16 -14.74
N GLU C 76 26.09 -0.28 -13.74
CA GLU C 76 27.38 0.38 -13.53
C GLU C 76 28.45 -0.60 -13.06
N GLU C 77 28.03 -1.57 -12.24
CA GLU C 77 28.92 -2.64 -11.83
C GLU C 77 29.36 -3.42 -13.07
N GLY C 78 28.41 -3.66 -13.98
CA GLY C 78 28.71 -4.20 -15.30
C GLY C 78 29.07 -5.68 -15.31
N SER C 79 28.56 -6.42 -14.31
CA SER C 79 28.73 -7.88 -14.23
C SER C 79 28.08 -8.60 -15.40
N GLU C 80 28.80 -9.60 -15.95
CA GLU C 80 28.36 -10.32 -17.14
C GLU C 80 27.00 -11.01 -16.94
N GLU C 81 26.57 -11.20 -15.68
CA GLU C 81 25.43 -12.04 -15.35
C GLU C 81 24.24 -11.39 -14.65
N LYS C 82 24.28 -10.08 -14.39
CA LYS C 82 23.23 -9.43 -13.63
C LYS C 82 22.51 -8.44 -14.52
N GLY C 83 21.25 -8.10 -14.17
CA GLY C 83 20.56 -6.96 -14.77
C GLY C 83 19.20 -7.16 -15.46
N PRO C 84 18.97 -8.29 -16.16
CA PRO C 84 17.74 -8.49 -16.95
C PRO C 84 16.45 -8.52 -16.14
N GLU C 85 16.48 -9.17 -14.98
CA GLU C 85 15.28 -9.25 -14.15
C GLU C 85 14.81 -7.87 -13.64
N VAL C 86 15.75 -7.06 -13.14
CA VAL C 86 15.38 -5.75 -12.61
C VAL C 86 14.86 -4.85 -13.72
N ARG C 87 15.50 -4.91 -14.91
CA ARG C 87 15.00 -4.15 -16.04
C ARG C 87 13.57 -4.53 -16.40
N GLU C 88 13.29 -5.83 -16.48
CA GLU C 88 11.96 -6.31 -16.82
C GLU C 88 10.93 -5.85 -15.80
N TYR C 89 11.28 -5.93 -14.52
CA TYR C 89 10.32 -5.59 -13.47
C TYR C 89 10.12 -4.06 -13.38
N ARG C 90 11.19 -3.29 -13.56
CA ARG C 90 11.07 -1.85 -13.68
C ARG C 90 10.13 -1.48 -14.82
N GLU C 91 10.26 -2.18 -15.97
CA GLU C 91 9.39 -1.96 -17.12
C GLU C 91 7.93 -2.27 -16.80
N LYS C 92 7.69 -3.31 -16.01
CA LYS C 92 6.34 -3.70 -15.63
C LYS C 92 5.68 -2.59 -14.79
N VAL C 93 6.39 -2.11 -13.76
CA VAL C 93 5.88 -1.05 -12.91
C VAL C 93 5.69 0.23 -13.72
N GLU C 94 6.65 0.54 -14.59
CA GLU C 94 6.54 1.71 -15.45
C GLU C 94 5.28 1.67 -16.30
N THR C 95 4.95 0.52 -16.90
CA THR C 95 3.77 0.38 -17.72
C THR C 95 2.49 0.64 -16.94
N GLU C 96 2.45 0.15 -15.69
CA GLU C 96 1.29 0.36 -14.84
C GLU C 96 1.11 1.83 -14.47
N LEU C 97 2.23 2.51 -14.15
CA LEU C 97 2.21 3.93 -13.85
C LEU C 97 1.70 4.74 -15.03
N GLN C 98 2.18 4.42 -16.23
CA GLN C 98 1.77 5.12 -17.44
C GLN C 98 0.27 4.95 -17.67
N GLY C 99 -0.22 3.75 -17.37
CA GLY C 99 -1.64 3.45 -17.51
C GLY C 99 -2.52 4.31 -16.61
N VAL C 100 -2.10 4.49 -15.35
CA VAL C 100 -2.85 5.32 -14.42
C VAL C 100 -2.82 6.78 -14.85
N CYS C 101 -1.63 7.26 -15.23
CA CYS C 101 -1.53 8.64 -15.71
C CYS C 101 -2.42 8.87 -16.93
N ASP C 102 -2.42 7.93 -17.87
CA ASP C 102 -3.27 8.04 -19.05
C ASP C 102 -4.75 8.10 -18.70
N THR C 103 -5.16 7.33 -17.68
CA THR C 103 -6.54 7.34 -17.21
C THR C 103 -6.95 8.71 -16.67
N VAL C 104 -6.08 9.31 -15.86
CA VAL C 104 -6.35 10.62 -15.29
C VAL C 104 -6.42 11.69 -16.39
N LEU C 105 -5.44 11.67 -17.28
CA LEU C 105 -5.41 12.63 -18.39
C LEU C 105 -6.65 12.47 -19.27
N GLY C 106 -7.10 11.22 -19.46
CA GLY C 106 -8.34 10.94 -20.18
C GLY C 106 -9.57 11.56 -19.55
N LEU C 107 -9.69 11.45 -18.23
CA LEU C 107 -10.80 12.03 -17.49
C LEU C 107 -10.78 13.55 -17.60
N LEU C 108 -9.58 14.13 -17.51
CA LEU C 108 -9.42 15.58 -17.58
C LEU C 108 -9.88 16.10 -18.96
N ASP C 109 -9.45 15.38 -20.02
CA ASP C 109 -9.75 15.78 -21.38
C ASP C 109 -11.20 15.50 -21.78
N SER C 110 -11.74 14.35 -21.34
CA SER C 110 -13.06 13.94 -21.81
C SER C 110 -14.19 14.61 -21.01
N HIS C 111 -13.94 14.94 -19.74
CA HIS C 111 -15.00 15.41 -18.86
C HIS C 111 -14.75 16.70 -18.10
N LEU C 112 -13.56 16.88 -17.52
CA LEU C 112 -13.41 17.85 -16.45
C LEU C 112 -12.99 19.26 -16.88
N ILE C 113 -12.05 19.37 -17.82
CA ILE C 113 -11.52 20.68 -18.16
C ILE C 113 -12.56 21.53 -18.89
N LYS C 114 -13.15 20.99 -19.96
CA LYS C 114 -14.15 21.75 -20.69
C LYS C 114 -15.41 22.09 -19.88
N GLU C 115 -15.83 21.19 -18.98
CA GLU C 115 -17.10 21.31 -18.25
C GLU C 115 -17.04 22.18 -17.00
N ALA C 116 -15.84 22.66 -16.62
CA ALA C 116 -15.67 23.53 -15.47
C ALA C 116 -16.26 24.92 -15.68
N GLY C 117 -17.13 25.34 -14.75
CA GLY C 117 -17.75 26.65 -14.84
C GLY C 117 -16.80 27.79 -14.48
N ASP C 118 -16.17 27.69 -13.31
CA ASP C 118 -15.49 28.82 -12.70
C ASP C 118 -13.97 28.69 -12.85
N ALA C 119 -13.28 29.82 -12.68
CA ALA C 119 -11.84 29.90 -12.91
C ALA C 119 -11.07 29.01 -11.95
N GLU C 120 -11.49 29.01 -10.68
CA GLU C 120 -10.84 28.22 -9.66
C GLU C 120 -10.76 26.75 -10.05
N SER C 121 -11.88 26.17 -10.48
CA SER C 121 -11.87 24.75 -10.81
C SER C 121 -11.13 24.51 -12.13
N ARG C 122 -11.25 25.40 -13.11
CA ARG C 122 -10.49 25.25 -14.35
CA ARG C 122 -10.50 25.23 -14.34
C ARG C 122 -9.00 25.23 -14.08
N VAL C 123 -8.51 26.11 -13.20
CA VAL C 123 -7.10 26.15 -12.86
C VAL C 123 -6.67 24.86 -12.15
N PHE C 124 -7.48 24.38 -11.19
CA PHE C 124 -7.21 23.09 -10.55
C PHE C 124 -7.01 21.96 -11.57
N TYR C 125 -7.91 21.84 -12.55
CA TYR C 125 -7.82 20.77 -13.51
C TYR C 125 -6.64 20.91 -14.47
N LEU C 126 -6.30 22.14 -14.85
CA LEU C 126 -5.13 22.35 -15.71
C LEU C 126 -3.84 22.06 -14.97
N LYS C 127 -3.79 22.42 -13.68
CA LYS C 127 -2.69 22.03 -12.81
C LYS C 127 -2.56 20.51 -12.78
N MET C 128 -3.70 19.83 -12.62
CA MET C 128 -3.66 18.36 -12.54
C MET C 128 -3.12 17.77 -13.84
N LYS C 129 -3.53 18.31 -14.98
CA LYS C 129 -3.03 17.88 -16.28
C LYS C 129 -1.50 18.04 -16.37
N GLY C 130 -1.02 19.19 -15.90
CA GLY C 130 0.42 19.43 -15.81
C GLY C 130 1.15 18.40 -14.95
N ASP C 131 0.59 18.12 -13.76
CA ASP C 131 1.18 17.18 -12.83
C ASP C 131 1.29 15.78 -13.44
N TYR C 132 0.22 15.29 -14.08
CA TYR C 132 0.24 13.92 -14.58
C TYR C 132 1.10 13.78 -15.85
N TYR C 133 1.19 14.82 -16.69
CA TYR C 133 2.23 14.82 -17.71
C TYR C 133 3.63 14.86 -17.10
N ARG C 134 3.82 15.58 -15.99
CA ARG C 134 5.11 15.60 -15.30
C ARG C 134 5.50 14.21 -14.79
N TYR C 135 4.52 13.47 -14.25
CA TYR C 135 4.79 12.12 -13.75
C TYR C 135 5.13 11.20 -14.92
N LEU C 136 4.48 11.38 -16.08
CA LEU C 136 4.87 10.67 -17.29
C LEU C 136 6.28 11.05 -17.75
N ALA C 137 6.63 12.32 -17.67
CA ALA C 137 7.96 12.78 -18.06
C ALA C 137 9.08 12.14 -17.24
N GLU C 138 8.83 11.86 -15.96
CA GLU C 138 9.85 11.28 -15.10
C GLU C 138 10.33 9.92 -15.59
N VAL C 139 9.46 9.18 -16.30
CA VAL C 139 9.80 7.84 -16.76
C VAL C 139 9.98 7.75 -18.27
N ALA C 140 9.77 8.87 -18.97
CA ALA C 140 9.90 8.89 -20.42
C ALA C 140 11.37 9.01 -20.84
N THR C 141 11.67 8.52 -22.04
CA THR C 141 12.99 8.70 -22.66
C THR C 141 12.87 9.28 -24.06
N GLY C 142 13.98 9.85 -24.56
CA GLY C 142 14.10 10.24 -25.96
C GLY C 142 13.14 11.33 -26.43
N ASP C 143 12.60 11.14 -27.64
CA ASP C 143 11.73 12.12 -28.28
C ASP C 143 10.35 12.15 -27.63
N ASP C 144 9.88 11.01 -27.13
CA ASP C 144 8.64 10.99 -26.37
C ASP C 144 8.73 11.92 -25.17
N LYS C 145 9.89 11.93 -24.52
CA LYS C 145 10.11 12.76 -23.34
C LYS C 145 9.96 14.24 -23.68
N LYS C 146 10.53 14.65 -24.83
CA LYS C 146 10.43 16.05 -25.24
C LYS C 146 8.97 16.48 -25.43
N ARG C 147 8.18 15.65 -26.10
CA ARG C 147 6.77 15.93 -26.36
C ARG C 147 5.99 16.02 -25.04
N ILE C 148 6.28 15.10 -24.11
CA ILE C 148 5.59 15.06 -22.85
C ILE C 148 5.91 16.28 -22.00
N ILE C 149 7.20 16.67 -21.98
CA ILE C 149 7.61 17.87 -21.27
C ILE C 149 6.88 19.09 -21.79
N ASP C 150 6.76 19.20 -23.12
CA ASP C 150 6.06 20.32 -23.74
C ASP C 150 4.58 20.36 -23.33
N SER C 151 3.96 19.18 -23.27
CA SER C 151 2.56 19.08 -22.87
C SER C 151 2.35 19.56 -21.42
N ALA C 152 3.26 19.15 -20.53
CA ALA C 152 3.21 19.59 -19.15
C ALA C 152 3.37 21.10 -19.04
N ARG C 153 4.37 21.64 -19.74
CA ARG C 153 4.63 23.08 -19.72
C ARG C 153 3.40 23.87 -20.19
N SER C 154 2.77 23.38 -21.26
CA SER C 154 1.65 24.06 -21.87
C SER C 154 0.44 24.10 -20.93
N ALA C 155 0.19 22.98 -20.23
CA ALA C 155 -0.89 22.92 -19.26
C ALA C 155 -0.63 23.86 -18.09
N TYR C 156 0.57 23.79 -17.52
CA TYR C 156 0.95 24.67 -16.42
C TYR C 156 0.87 26.15 -16.81
N GLN C 157 1.34 26.49 -18.01
CA GLN C 157 1.35 27.89 -18.41
C GLN C 157 -0.07 28.45 -18.56
N GLU C 158 -0.97 27.65 -19.14
CA GLU C 158 -2.35 28.08 -19.29
C GLU C 158 -2.99 28.28 -17.91
N ALA C 159 -2.69 27.38 -16.97
CA ALA C 159 -3.17 27.52 -15.62
C ALA C 159 -2.66 28.79 -14.93
N MET C 160 -1.36 29.07 -15.09
CA MET C 160 -0.73 30.24 -14.51
C MET C 160 -1.38 31.52 -15.06
N ASP C 161 -1.66 31.53 -16.37
CA ASP C 161 -2.24 32.70 -17.02
C ASP C 161 -3.62 33.04 -16.46
N ILE C 162 -4.44 32.01 -16.28
CA ILE C 162 -5.76 32.18 -15.71
C ILE C 162 -5.66 32.62 -14.25
N SER C 163 -4.81 31.95 -13.48
CA SER C 163 -4.75 32.20 -12.05
C SER C 163 -4.27 33.63 -11.74
N LYS C 164 -3.38 34.18 -12.58
CA LYS C 164 -2.90 35.54 -12.38
C LYS C 164 -3.99 36.58 -12.64
N LYS C 165 -4.90 36.29 -13.58
CA LYS C 165 -5.99 37.18 -13.94
C LYS C 165 -7.20 37.05 -13.03
N GLU C 166 -7.41 35.87 -12.43
CA GLU C 166 -8.69 35.53 -11.82
C GLU C 166 -8.68 35.21 -10.32
N MET C 167 -7.51 35.00 -9.73
CA MET C 167 -7.41 34.49 -8.37
C MET C 167 -6.43 35.29 -7.54
N PRO C 168 -6.65 35.43 -6.21
CA PRO C 168 -5.69 36.12 -5.34
C PRO C 168 -4.36 35.38 -5.23
N PRO C 169 -3.23 36.09 -4.99
CA PRO C 169 -1.93 35.43 -4.86
C PRO C 169 -1.81 34.45 -3.68
N THR C 170 -2.71 34.56 -2.69
CA THR C 170 -2.71 33.67 -1.54
C THR C 170 -3.62 32.45 -1.68
N ASN C 171 -4.36 32.36 -2.80
CA ASN C 171 -5.28 31.25 -3.02
C ASN C 171 -4.50 29.94 -3.06
N PRO C 172 -4.88 28.91 -2.28
CA PRO C 172 -4.09 27.67 -2.20
C PRO C 172 -3.95 26.88 -3.49
N ILE C 173 -4.94 27.00 -4.39
CA ILE C 173 -4.83 26.37 -5.71
C ILE C 173 -3.74 27.08 -6.51
N ARG C 174 -3.77 28.43 -6.50
CA ARG C 174 -2.78 29.20 -7.22
C ARG C 174 -1.39 28.92 -6.66
N LEU C 175 -1.30 28.81 -5.34
CA LEU C 175 -0.03 28.54 -4.67
C LEU C 175 0.53 27.14 -5.02
N GLY C 176 -0.35 26.13 -4.94
CA GLY C 176 0.05 24.77 -5.25
C GLY C 176 0.47 24.62 -6.70
N LEU C 177 -0.22 25.32 -7.61
CA LEU C 177 0.15 25.35 -9.02
C LEU C 177 1.56 25.91 -9.20
N ALA C 178 1.81 27.08 -8.60
CA ALA C 178 3.11 27.69 -8.73
C ALA C 178 4.24 26.85 -8.13
N LEU C 179 4.00 26.26 -6.96
CA LEU C 179 4.92 25.32 -6.37
C LEU C 179 5.25 24.20 -7.36
N ASN C 180 4.23 23.54 -7.90
CA ASN C 180 4.45 22.42 -8.80
C ASN C 180 5.12 22.79 -10.11
N PHE C 181 4.78 23.97 -10.65
CA PHE C 181 5.41 24.46 -11.87
C PHE C 181 6.89 24.75 -11.62
N SER C 182 7.21 25.26 -10.42
CA SER C 182 8.60 25.50 -10.06
C SER C 182 9.40 24.19 -9.97
N VAL C 183 8.77 23.15 -9.40
CA VAL C 183 9.37 21.82 -9.38
C VAL C 183 9.58 21.26 -10.79
N PHE C 184 8.60 21.44 -11.69
CA PHE C 184 8.75 21.09 -13.08
C PHE C 184 10.02 21.73 -13.68
N HIS C 185 10.15 23.05 -13.50
CA HIS C 185 11.30 23.77 -14.02
C HIS C 185 12.62 23.17 -13.51
N TYR C 186 12.69 22.90 -12.21
CA TYR C 186 13.94 22.47 -11.59
C TYR C 186 14.26 21.01 -11.93
N GLU C 187 13.28 20.13 -11.80
CA GLU C 187 13.52 18.69 -11.80
C GLU C 187 13.36 18.05 -13.18
N ILE C 188 12.55 18.67 -14.03
CA ILE C 188 12.19 18.09 -15.32
C ILE C 188 12.83 18.84 -16.48
N ALA C 189 12.69 20.17 -16.47
CA ALA C 189 13.03 21.00 -17.62
C ALA C 189 14.43 21.59 -17.59
N ASN C 190 15.21 21.22 -16.56
CA ASN C 190 16.58 21.71 -16.39
C ASN C 190 16.67 23.23 -16.49
N SER C 191 15.79 23.91 -15.73
CA SER C 191 15.71 25.36 -15.74
C SER C 191 15.70 25.91 -14.32
N PRO C 192 16.83 25.82 -13.59
CA PRO C 192 16.90 26.26 -12.20
C PRO C 192 16.65 27.76 -12.01
N GLU C 193 17.10 28.58 -12.96
CA GLU C 193 16.86 30.01 -12.89
C GLU C 193 15.37 30.34 -12.91
N GLU C 194 14.62 29.71 -13.82
CA GLU C 194 13.18 29.92 -13.88
C GLU C 194 12.48 29.35 -12.63
N ALA C 195 12.95 28.20 -12.14
CA ALA C 195 12.40 27.61 -10.94
C ALA C 195 12.51 28.58 -9.77
N ILE C 196 13.72 29.11 -9.56
CA ILE C 196 13.99 30.00 -8.44
C ILE C 196 13.22 31.30 -8.58
N SER C 197 13.24 31.88 -9.79
CA SER C 197 12.52 33.12 -10.03
C SER C 197 11.01 32.99 -9.77
N LEU C 198 10.41 31.91 -10.27
CA LEU C 198 8.99 31.69 -10.04
C LEU C 198 8.68 31.48 -8.55
N ALA C 199 9.49 30.67 -7.86
CA ALA C 199 9.21 30.38 -6.46
C ALA C 199 9.34 31.64 -5.61
N LYS C 200 10.37 32.45 -5.88
CA LYS C 200 10.61 33.66 -5.13
C LYS C 200 9.49 34.69 -5.33
N THR C 201 9.09 34.91 -6.59
CA THR C 201 7.99 35.81 -6.91
C THR C 201 6.69 35.36 -6.25
N THR C 202 6.40 34.06 -6.34
CA THR C 202 5.21 33.49 -5.74
C THR C 202 5.15 33.73 -4.22
N PHE C 203 6.29 33.43 -3.55
CA PHE C 203 6.37 33.55 -2.10
C PHE C 203 6.16 35.01 -1.68
N ASP C 204 6.87 35.92 -2.35
CA ASP C 204 6.83 37.32 -1.97
C ASP C 204 5.44 37.94 -2.16
N GLU C 205 4.80 37.63 -3.30
CA GLU C 205 3.47 38.15 -3.59
C GLU C 205 2.41 37.59 -2.64
N ALA C 206 2.58 36.33 -2.23
CA ALA C 206 1.69 35.72 -1.26
C ALA C 206 1.86 36.36 0.13
N MET C 207 3.11 36.57 0.54
CA MET C 207 3.42 37.12 1.85
C MET C 207 2.85 38.53 1.98
N ALA C 208 2.87 39.29 0.87
CA ALA C 208 2.33 40.65 0.84
C ALA C 208 0.85 40.77 1.17
N ASP C 209 0.05 39.72 0.88
CA ASP C 209 -1.38 39.73 1.16
C ASP C 209 -1.82 38.82 2.31
N LEU C 210 -0.85 38.26 3.03
CA LEU C 210 -1.10 37.30 4.08
C LEU C 210 -2.01 37.85 5.19
N HIS C 211 -1.93 39.17 5.43
CA HIS C 211 -2.74 39.82 6.45
C HIS C 211 -4.25 39.78 6.21
N THR C 212 -4.67 39.39 5.00
CA THR C 212 -6.08 39.40 4.63
C THR C 212 -6.86 38.12 4.89
N LEU C 213 -6.18 37.03 5.28
CA LEU C 213 -6.77 35.70 5.33
C LEU C 213 -7.45 35.36 6.67
N SER C 214 -8.30 34.33 6.65
CA SER C 214 -8.95 33.85 7.86
C SER C 214 -7.93 33.29 8.85
N SER C 217 -8.08 29.25 5.66
CA SER C 217 -7.32 29.87 4.57
C SER C 217 -5.85 29.98 4.95
N TYR C 218 -5.61 30.58 6.12
CA TYR C 218 -4.29 30.92 6.60
C TYR C 218 -3.35 29.72 6.70
N LYS C 219 -3.83 28.63 7.34
CA LYS C 219 -3.00 27.46 7.56
C LYS C 219 -2.56 26.85 6.23
N ASP C 220 -3.49 26.75 5.28
CA ASP C 220 -3.21 26.16 3.98
C ASP C 220 -2.19 26.95 3.18
N SER C 221 -2.43 28.27 3.08
CA SER C 221 -1.57 29.13 2.29
C SER C 221 -0.15 29.17 2.85
N THR C 222 -0.03 29.23 4.19
CA THR C 222 1.28 29.31 4.83
C THR C 222 2.03 27.98 4.68
N LEU C 223 1.31 26.85 4.66
CA LEU C 223 1.95 25.56 4.43
C LEU C 223 2.66 25.50 3.08
N ILE C 224 1.96 25.92 2.02
CA ILE C 224 2.54 25.94 0.68
C ILE C 224 3.69 26.95 0.60
N MET C 225 3.52 28.12 1.23
CA MET C 225 4.59 29.11 1.25
C MET C 225 5.86 28.58 1.92
N GLN C 226 5.70 27.75 2.95
CA GLN C 226 6.85 27.14 3.61
C GLN C 226 7.56 26.15 2.68
N LEU C 227 6.81 25.43 1.85
CA LEU C 227 7.44 24.51 0.91
C LEU C 227 8.20 25.26 -0.19
N LEU C 228 7.66 26.42 -0.62
CA LEU C 228 8.38 27.30 -1.53
C LEU C 228 9.70 27.73 -0.89
N ARG C 229 9.65 28.14 0.38
CA ARG C 229 10.84 28.53 1.12
C ARG C 229 11.86 27.40 1.22
N ASP C 230 11.40 26.19 1.55
CA ASP C 230 12.28 25.02 1.67
C ASP C 230 12.99 24.70 0.35
N ASN C 231 12.24 24.70 -0.75
CA ASN C 231 12.84 24.52 -2.07
C ASN C 231 13.87 25.59 -2.38
N LEU C 232 13.56 26.85 -2.06
CA LEU C 232 14.49 27.94 -2.33
C LEU C 232 15.80 27.75 -1.56
N THR C 233 15.71 27.28 -0.32
CA THR C 233 16.89 26.95 0.47
C THR C 233 17.69 25.82 -0.17
N LEU C 234 16.98 24.78 -0.65
CA LEU C 234 17.59 23.65 -1.33
C LEU C 234 18.30 24.03 -2.62
N TRP C 235 17.70 24.97 -3.36
CA TRP C 235 18.17 25.32 -4.70
C TRP C 235 19.26 26.39 -4.72
N THR C 236 19.46 27.08 -3.59
CA THR C 236 20.44 28.15 -3.49
C THR C 236 21.50 27.83 -2.43
N ARG D 1 20.86 12.63 -3.70
CA ARG D 1 20.35 13.99 -3.77
C ARG D 1 18.93 14.04 -3.23
N ILE D 2 18.60 15.15 -2.56
CA ILE D 2 17.25 15.40 -2.06
C ILE D 2 16.41 15.98 -3.18
N ARG D 3 15.24 15.39 -3.42
CA ARG D 3 14.32 15.88 -4.44
C ARG D 3 13.58 17.11 -3.92
N SER D 4 13.22 18.01 -4.84
CA SER D 4 12.36 19.15 -4.51
C SER D 4 11.00 18.66 -3.99
N THR D 5 10.36 19.47 -3.15
CA THR D 5 9.07 19.13 -2.59
C THR D 5 7.94 19.75 -3.43
N SEP D 6 6.95 18.92 -3.80
CA SEP D 6 5.78 19.42 -4.51
CB SEP D 6 5.49 18.56 -5.71
OG SEP D 6 5.16 17.23 -5.25
C SEP D 6 4.60 19.50 -3.52
O SEP D 6 4.75 19.21 -2.34
P SEP D 6 4.95 16.08 -6.36
O1P SEP D 6 4.60 14.83 -5.58
O2P SEP D 6 3.84 16.56 -7.26
O3P SEP D 6 6.27 15.94 -7.12
N THR D 7 3.43 19.91 -4.03
CA THR D 7 2.25 20.08 -3.19
C THR D 7 1.89 18.75 -2.53
N PRO D 8 1.67 18.72 -1.20
CA PRO D 8 1.38 17.49 -0.48
C PRO D 8 0.00 16.92 -0.82
N ASN D 9 -0.12 15.60 -0.67
CA ASN D 9 -1.36 14.89 -0.96
C ASN D 9 -2.26 14.88 0.27
N VAL D 10 -2.85 16.04 0.58
CA VAL D 10 -3.74 16.16 1.71
C VAL D 10 -5.00 16.86 1.26
N HIS D 11 -6.09 16.68 2.01
CA HIS D 11 -7.30 17.45 1.75
C HIS D 11 -7.05 18.93 2.04
N MET D 12 -7.37 19.79 1.08
CA MET D 12 -7.25 21.23 1.26
C MET D 12 -8.64 21.67 1.53
C4 WQI E . 10.41 -18.70 8.59
C14 WQI E . 9.93 -19.67 9.66
C5 WQI E . 9.19 -17.99 8.02
C6 WQI E . 8.37 -17.30 9.10
C11 WQI E . 9.04 -15.99 14.10
C7 WQI E . 7.67 -16.56 12.19
C8 WQI E . 7.80 -15.27 11.73
C9 WQI E . 8.52 -14.33 12.46
C10 WQI E . 9.15 -14.68 13.65
C12 WQI E . 8.31 -16.93 13.37
C13 WQI E . 9.10 -18.96 10.72
N1 WQI E . 12.42 -20.03 8.04
N2 WQI E . 7.95 -18.28 10.12
C3 WQI E . 11.21 -19.42 7.52
C1 WQI E . 12.61 -21.34 8.11
O1 WQI E . 11.73 -22.16 7.80
S1 WQI E . 6.81 -17.76 11.19
C2 WQI E . 13.99 -21.83 8.54
O2 WQI E . 6.49 -18.90 11.99
O3 WQI E . 5.79 -17.11 10.44
I1 WQI E . 10.29 -13.19 14.70
MG MG F . -19.83 -12.65 2.30
MG MG G . 19.71 -16.75 -13.97
MG MG H . 12.70 -27.82 -12.31
MG MG I . -32.80 10.62 11.75
MG MG J . 11.69 -23.78 -15.76
CL CL K . 8.31 -8.74 -14.49
C4 WQI L . -8.91 21.20 -3.75
C14 WQI L . -8.25 22.42 -4.34
C5 WQI L . -8.21 19.96 -4.29
C6 WQI L . -6.71 19.98 -4.07
C11 WQI L . -3.18 22.89 -1.47
C7 WQI L . -3.87 21.44 -3.24
C8 WQI L . -3.75 20.34 -2.39
C9 WQI L . -3.30 20.52 -1.09
C10 WQI L . -3.03 21.81 -0.62
C12 WQI L . -3.62 22.71 -2.77
C13 WQI L . -6.76 22.42 -4.11
N1 WQI L . -11.18 22.26 -3.53
N2 WQI L . -6.14 21.21 -4.67
C3 WQI L . -10.41 21.15 -4.10
C1 WQI L . -11.88 23.12 -4.26
O1 WQI L . -11.86 23.15 -5.50
S1 WQI L . -4.52 21.25 -4.88
C2 WQI L . -12.82 24.10 -3.53
O2 WQI L . -4.24 22.45 -5.61
O3 WQI L . -4.16 19.99 -5.45
I1 WQI L . -2.39 22.12 1.38
CL CL M . -18.94 -2.25 -3.80
MG MG N . 9.60 2.99 -21.29
MG MG O . 30.85 -9.93 -10.14
#